data_2NB7
#
_entry.id   2NB7
#
_entity_poly.entity_id   1
_entity_poly.type   'polypeptide(L)'
_entity_poly.pdbx_seq_one_letter_code
;SNAMENTSITIEFSSKF
;
_entity_poly.pdbx_strand_id   A
#
# COMPACT_ATOMS: atom_id res chain seq x y z
N MET A 4 -0.19 -3.99 6.04
CA MET A 4 -1.15 -4.96 6.57
C MET A 4 -0.89 -6.34 5.99
N GLU A 5 0.36 -6.62 5.64
CA GLU A 5 0.73 -7.91 5.07
C GLU A 5 -0.03 -8.17 3.77
N ASN A 6 -0.27 -7.11 3.02
CA ASN A 6 -1.00 -7.22 1.76
C ASN A 6 -0.27 -6.47 0.64
N THR A 7 -0.88 -6.45 -0.54
CA THR A 7 -0.29 -5.76 -1.68
C THR A 7 -1.33 -4.93 -2.43
N SER A 8 -2.14 -4.20 -1.66
CA SER A 8 -3.18 -3.36 -2.25
C SER A 8 -3.31 -2.05 -1.48
N ILE A 9 -3.51 -2.15 -0.17
CA ILE A 9 -3.65 -0.97 0.68
C ILE A 9 -2.30 -0.40 1.07
N THR A 10 -1.40 -1.29 1.51
CA THR A 10 -0.06 -0.87 1.92
C THR A 10 0.71 -0.30 0.74
N ILE A 11 0.39 -0.76 -0.46
CA ILE A 11 1.05 -0.29 -1.67
C ILE A 11 0.38 0.96 -2.22
N GLU A 12 -0.93 1.05 -2.04
CA GLU A 12 -1.69 2.20 -2.51
C GLU A 12 -1.25 3.47 -1.81
N PHE A 13 -0.87 3.34 -0.54
CA PHE A 13 -0.43 4.48 0.25
C PHE A 13 1.08 4.71 0.09
N SER A 14 1.84 3.63 0.20
CA SER A 14 3.30 3.70 0.08
C SER A 14 3.69 4.24 -1.28
N SER A 15 2.82 4.04 -2.28
CA SER A 15 3.09 4.51 -3.62
C SER A 15 2.54 5.92 -3.83
N LYS A 16 1.26 6.10 -3.52
CA LYS A 16 0.61 7.40 -3.67
C LYS A 16 1.38 8.47 -2.92
N PHE A 17 1.80 8.16 -1.70
CA PHE A 17 2.55 9.10 -0.87
C PHE A 17 3.92 8.55 -0.52
N MET A 4 0.38 -3.79 5.81
CA MET A 4 -0.77 -4.49 6.38
C MET A 4 -0.79 -5.94 5.92
N GLU A 5 0.39 -6.50 5.67
CA GLU A 5 0.50 -7.89 5.23
C GLU A 5 -0.32 -8.13 3.96
N ASN A 6 -0.33 -7.12 3.08
CA ASN A 6 -1.07 -7.22 1.83
C ASN A 6 -0.31 -6.55 0.70
N THR A 7 -0.89 -6.58 -0.51
CA THR A 7 -0.26 -5.98 -1.67
C THR A 7 -1.26 -5.16 -2.47
N SER A 8 -2.07 -4.36 -1.78
CA SER A 8 -3.07 -3.53 -2.43
C SER A 8 -3.28 -2.24 -1.67
N ILE A 9 -3.58 -2.36 -0.37
CA ILE A 9 -3.79 -1.19 0.48
C ILE A 9 -2.48 -0.58 0.95
N THR A 10 -1.60 -1.44 1.46
CA THR A 10 -0.29 -0.98 1.94
C THR A 10 0.53 -0.38 0.82
N ILE A 11 0.34 -0.90 -0.39
CA ILE A 11 1.07 -0.41 -1.56
C ILE A 11 0.42 0.84 -2.13
N GLU A 12 -0.92 0.89 -2.04
CA GLU A 12 -1.67 2.04 -2.55
C GLU A 12 -1.26 3.32 -1.82
N PHE A 13 -0.97 3.19 -0.53
CA PHE A 13 -0.58 4.34 0.28
C PHE A 13 0.91 4.65 0.10
N SER A 14 1.73 3.61 0.16
CA SER A 14 3.17 3.77 0.01
C SER A 14 3.51 4.44 -1.32
N SER A 15 2.70 4.17 -2.33
CA SER A 15 2.90 4.74 -3.66
C SER A 15 2.36 6.16 -3.73
N LYS A 16 1.17 6.35 -3.18
CA LYS A 16 0.52 7.66 -3.18
C LYS A 16 1.45 8.72 -2.58
N PHE A 17 2.23 8.32 -1.58
CA PHE A 17 3.15 9.23 -0.91
C PHE A 17 4.58 8.72 -1.02
N MET A 4 -0.12 -4.17 5.83
CA MET A 4 -1.36 -4.88 6.15
C MET A 4 -1.25 -6.35 5.73
N GLU A 5 -0.03 -6.87 5.70
CA GLU A 5 0.20 -8.26 5.32
C GLU A 5 -0.42 -8.56 3.97
N ASN A 6 -0.47 -7.55 3.10
CA ASN A 6 -1.03 -7.71 1.77
C ASN A 6 -0.34 -6.79 0.77
N THR A 7 -0.81 -6.82 -0.48
CA THR A 7 -0.24 -5.99 -1.53
C THR A 7 -1.32 -5.20 -2.25
N SER A 8 -1.93 -4.25 -1.55
CA SER A 8 -2.98 -3.42 -2.13
C SER A 8 -3.12 -2.10 -1.38
N ILE A 9 -3.29 -2.19 -0.06
CA ILE A 9 -3.43 -1.01 0.78
C ILE A 9 -2.06 -0.41 1.11
N THR A 10 -1.16 -1.25 1.60
CA THR A 10 0.18 -0.80 1.96
C THR A 10 0.90 -0.21 0.76
N ILE A 11 0.60 -0.73 -0.43
CA ILE A 11 1.23 -0.24 -1.66
C ILE A 11 0.51 0.99 -2.19
N GLU A 12 -0.80 1.03 -1.98
CA GLU A 12 -1.61 2.16 -2.44
C GLU A 12 -1.23 3.44 -1.68
N PHE A 13 -0.85 3.28 -0.42
CA PHE A 13 -0.46 4.42 0.40
C PHE A 13 1.00 4.80 0.17
N SER A 14 1.86 3.79 0.10
CA SER A 14 3.28 4.01 -0.12
C SER A 14 3.53 4.59 -1.51
N SER A 15 2.64 4.28 -2.44
CA SER A 15 2.76 4.77 -3.82
C SER A 15 2.24 6.19 -3.94
N LYS A 16 1.01 6.41 -3.47
CA LYS A 16 0.39 7.73 -3.52
C LYS A 16 1.31 8.79 -2.93
N PHE A 17 1.98 8.44 -1.83
CA PHE A 17 2.89 9.36 -1.15
C PHE A 17 4.25 8.70 -0.94
N MET A 4 0.40 -3.76 5.87
CA MET A 4 -0.70 -4.50 6.50
C MET A 4 -0.72 -5.95 6.03
N GLU A 5 0.45 -6.45 5.62
CA GLU A 5 0.57 -7.82 5.14
C GLU A 5 -0.30 -8.05 3.91
N ASN A 6 -0.25 -7.08 2.99
CA ASN A 6 -1.04 -7.17 1.76
C ASN A 6 -0.31 -6.48 0.61
N THR A 7 -0.94 -6.48 -0.57
CA THR A 7 -0.35 -5.85 -1.75
C THR A 7 -1.39 -5.02 -2.50
N SER A 8 -2.19 -4.26 -1.76
CA SER A 8 -3.22 -3.42 -2.36
C SER A 8 -3.34 -2.10 -1.62
N ILE A 9 -3.58 -2.17 -0.31
CA ILE A 9 -3.71 -0.97 0.51
C ILE A 9 -2.35 -0.43 0.92
N THR A 10 -1.53 -1.30 1.50
CA THR A 10 -0.19 -0.91 1.94
C THR A 10 0.63 -0.36 0.78
N ILE A 11 0.36 -0.84 -0.43
CA ILE A 11 1.07 -0.39 -1.62
C ILE A 11 0.43 0.86 -2.20
N GLU A 12 -0.90 0.95 -2.07
CA GLU A 12 -1.63 2.09 -2.59
C GLU A 12 -1.24 3.38 -1.86
N PHE A 13 -0.89 3.24 -0.58
CA PHE A 13 -0.49 4.38 0.22
C PHE A 13 1.00 4.64 0.09
N SER A 14 1.80 3.58 0.19
CA SER A 14 3.25 3.69 0.09
C SER A 14 3.65 4.25 -1.27
N SER A 15 2.81 4.04 -2.28
CA SER A 15 3.09 4.51 -3.62
C SER A 15 2.52 5.92 -3.82
N LYS A 16 1.28 6.13 -3.39
CA LYS A 16 0.64 7.42 -3.51
C LYS A 16 1.39 8.49 -2.73
N PHE A 17 1.84 8.13 -1.54
CA PHE A 17 2.58 9.05 -0.67
C PHE A 17 3.92 8.46 -0.27
N MET A 4 0.12 -4.02 6.16
CA MET A 4 -0.96 -4.88 6.64
C MET A 4 -0.85 -6.28 6.04
N GLU A 5 0.38 -6.67 5.69
CA GLU A 5 0.62 -7.99 5.10
C GLU A 5 -0.22 -8.18 3.84
N ASN A 6 -0.31 -7.13 3.03
CA ASN A 6 -1.08 -7.19 1.80
C ASN A 6 -0.34 -6.48 0.66
N THR A 7 -0.94 -6.48 -0.53
CA THR A 7 -0.35 -5.84 -1.69
C THR A 7 -1.37 -5.00 -2.43
N SER A 8 -2.16 -4.23 -1.69
CA SER A 8 -3.19 -3.38 -2.29
C SER A 8 -3.30 -2.07 -1.54
N ILE A 9 -3.52 -2.15 -0.23
CA ILE A 9 -3.65 -0.96 0.60
C ILE A 9 -2.27 -0.40 0.99
N THR A 10 -1.41 -1.27 1.51
CA THR A 10 -0.07 -0.87 1.92
C THR A 10 0.71 -0.31 0.74
N ILE A 11 0.42 -0.80 -0.46
CA ILE A 11 1.09 -0.35 -1.67
C ILE A 11 0.42 0.90 -2.23
N GLU A 12 -0.89 1.00 -2.06
CA GLU A 12 -1.64 2.14 -2.56
C GLU A 12 -1.23 3.42 -1.84
N PHE A 13 -0.85 3.28 -0.57
CA PHE A 13 -0.42 4.43 0.22
C PHE A 13 1.07 4.69 0.05
N SER A 14 1.86 3.64 0.15
CA SER A 14 3.31 3.75 0.00
C SER A 14 3.67 4.30 -1.37
N SER A 15 2.80 4.07 -2.35
CA SER A 15 3.03 4.54 -3.71
C SER A 15 2.48 5.95 -3.90
N LYS A 16 1.24 6.15 -3.47
CA LYS A 16 0.59 7.46 -3.59
C LYS A 16 1.45 8.55 -2.95
N PHE A 17 1.96 8.28 -1.76
CA PHE A 17 2.80 9.24 -1.05
C PHE A 17 3.45 8.60 0.17
N MET A 4 0.29 -3.88 5.95
CA MET A 4 -0.79 -4.70 6.52
C MET A 4 -0.73 -6.12 5.99
N GLU A 5 0.47 -6.56 5.59
CA GLU A 5 0.65 -7.90 5.05
C GLU A 5 -0.23 -8.13 3.83
N ASN A 6 -0.26 -7.14 2.95
CA ASN A 6 -1.06 -7.22 1.73
C ASN A 6 -0.36 -6.51 0.57
N THR A 7 -1.03 -6.47 -0.58
CA THR A 7 -0.48 -5.82 -1.76
C THR A 7 -1.53 -4.99 -2.48
N SER A 8 -2.29 -4.22 -1.70
CA SER A 8 -3.34 -3.37 -2.26
C SER A 8 -3.40 -2.03 -1.55
N ILE A 9 -3.64 -2.08 -0.23
CA ILE A 9 -3.73 -0.87 0.57
C ILE A 9 -2.34 -0.38 0.97
N THR A 10 -1.54 -1.28 1.53
CA THR A 10 -0.19 -0.94 1.95
C THR A 10 0.65 -0.42 0.79
N ILE A 11 0.35 -0.91 -0.41
CA ILE A 11 1.07 -0.48 -1.60
C ILE A 11 0.46 0.80 -2.18
N GLU A 12 -0.85 0.93 -2.04
CA GLU A 12 -1.56 2.11 -2.56
C GLU A 12 -1.15 3.36 -1.80
N PHE A 13 -0.79 3.19 -0.53
CA PHE A 13 -0.37 4.31 0.31
C PHE A 13 1.12 4.58 0.16
N SER A 14 1.92 3.52 0.25
CA SER A 14 3.37 3.63 0.12
C SER A 14 3.75 4.22 -1.23
N SER A 15 2.94 3.93 -2.24
CA SER A 15 3.19 4.42 -3.59
C SER A 15 2.66 5.84 -3.77
N LYS A 16 1.39 6.04 -3.41
CA LYS A 16 0.75 7.34 -3.53
C LYS A 16 1.60 8.42 -2.85
N PHE A 17 2.20 8.06 -1.72
CA PHE A 17 3.03 9.00 -0.97
C PHE A 17 2.21 10.19 -0.49
N MET A 4 -0.06 -4.23 6.00
CA MET A 4 -1.08 -5.12 6.54
C MET A 4 -0.93 -6.53 5.98
N GLU A 5 0.30 -6.91 5.66
CA GLU A 5 0.58 -8.23 5.11
C GLU A 5 -0.19 -8.45 3.81
N ASN A 6 -0.35 -7.39 3.03
CA ASN A 6 -1.07 -7.47 1.77
C ASN A 6 -0.39 -6.61 0.69
N THR A 7 -0.99 -6.59 -0.49
CA THR A 7 -0.45 -5.81 -1.59
C THR A 7 -1.55 -5.02 -2.30
N SER A 8 -2.08 -4.01 -1.62
CA SER A 8 -3.14 -3.18 -2.18
C SER A 8 -3.27 -1.87 -1.41
N ILE A 9 -3.48 -1.97 -0.11
CA ILE A 9 -3.62 -0.79 0.74
C ILE A 9 -2.25 -0.24 1.13
N THR A 10 -1.37 -1.12 1.59
CA THR A 10 -0.03 -0.71 2.00
C THR A 10 0.76 -0.16 0.81
N ILE A 11 0.48 -0.69 -0.38
CA ILE A 11 1.16 -0.25 -1.59
C ILE A 11 0.51 1.01 -2.16
N GLU A 12 -0.79 1.13 -1.97
CA GLU A 12 -1.52 2.30 -2.47
C GLU A 12 -1.07 3.57 -1.77
N PHE A 13 -0.71 3.44 -0.49
CA PHE A 13 -0.25 4.58 0.28
C PHE A 13 1.25 4.78 0.14
N SER A 14 1.98 3.67 0.01
CA SER A 14 3.43 3.72 -0.14
C SER A 14 3.82 4.20 -1.53
N SER A 15 2.93 3.97 -2.49
CA SER A 15 3.19 4.38 -3.87
C SER A 15 2.71 5.80 -4.12
N LYS A 16 1.47 6.08 -3.72
CA LYS A 16 0.89 7.41 -3.89
C LYS A 16 1.49 8.40 -2.89
N PHE A 17 1.98 7.88 -1.76
CA PHE A 17 2.58 8.72 -0.74
C PHE A 17 1.59 9.77 -0.24
N MET A 4 -0.24 -4.31 6.06
CA MET A 4 -1.38 -5.16 6.39
C MET A 4 -1.18 -6.57 5.86
N GLU A 5 0.09 -6.97 5.71
CA GLU A 5 0.41 -8.30 5.21
C GLU A 5 -0.25 -8.55 3.86
N ASN A 6 -0.32 -7.52 3.03
CA ASN A 6 -0.92 -7.63 1.71
C ASN A 6 -0.28 -6.66 0.73
N THR A 7 -0.76 -6.67 -0.52
CA THR A 7 -0.23 -5.81 -1.55
C THR A 7 -1.35 -5.04 -2.26
N SER A 8 -1.99 -4.14 -1.53
CA SER A 8 -3.08 -3.34 -2.08
C SER A 8 -3.21 -2.01 -1.34
N ILE A 9 -3.39 -2.08 -0.03
CA ILE A 9 -3.53 -0.89 0.79
C ILE A 9 -2.17 -0.30 1.15
N THR A 10 -1.26 -1.15 1.62
CA THR A 10 0.08 -0.72 1.99
C THR A 10 0.82 -0.14 0.80
N ILE A 11 0.49 -0.64 -0.39
CA ILE A 11 1.14 -0.19 -1.62
C ILE A 11 0.43 1.06 -2.17
N GLU A 12 -0.88 1.11 -1.98
CA GLU A 12 -1.67 2.24 -2.46
C GLU A 12 -1.23 3.54 -1.81
N PHE A 13 -0.82 3.45 -0.55
CA PHE A 13 -0.37 4.62 0.21
C PHE A 13 1.12 4.85 0.00
N SER A 14 1.91 3.78 0.11
CA SER A 14 3.35 3.87 -0.05
C SER A 14 3.70 4.42 -1.43
N SER A 15 2.81 4.21 -2.39
CA SER A 15 3.03 4.68 -3.76
C SER A 15 2.44 6.07 -3.94
N LYS A 16 1.16 6.21 -3.64
CA LYS A 16 0.47 7.50 -3.78
C LYS A 16 1.22 8.60 -3.01
N PHE A 17 1.82 8.22 -1.88
CA PHE A 17 2.55 9.18 -1.07
C PHE A 17 3.90 8.60 -0.64
N MET A 4 -1.52 -4.18 5.71
CA MET A 4 -2.46 -5.27 5.95
C MET A 4 -1.85 -6.61 5.56
N GLU A 5 -0.53 -6.70 5.62
CA GLU A 5 0.17 -7.93 5.28
C GLU A 5 -0.19 -8.39 3.87
N ASN A 6 -0.51 -7.43 3.01
CA ASN A 6 -0.87 -7.72 1.63
C ASN A 6 -0.33 -6.66 0.68
N THR A 7 -0.60 -6.84 -0.61
CA THR A 7 -0.14 -5.90 -1.63
C THR A 7 -1.30 -5.07 -2.18
N SER A 8 -1.86 -4.20 -1.33
CA SER A 8 -2.97 -3.36 -1.74
C SER A 8 -2.99 -2.07 -0.92
N ILE A 9 -2.95 -2.20 0.40
CA ILE A 9 -2.96 -1.04 1.28
C ILE A 9 -1.56 -0.45 1.43
N THR A 10 -0.58 -1.31 1.71
CA THR A 10 0.80 -0.87 1.88
C THR A 10 1.33 -0.25 0.59
N ILE A 11 0.82 -0.70 -0.54
CA ILE A 11 1.25 -0.19 -1.84
C ILE A 11 0.45 1.05 -2.23
N GLU A 12 -0.82 1.09 -1.81
CA GLU A 12 -1.69 2.22 -2.11
C GLU A 12 -1.17 3.50 -1.45
N PHE A 13 -0.55 3.34 -0.29
CA PHE A 13 -0.01 4.48 0.45
C PHE A 13 1.42 4.79 0.00
N SER A 14 2.24 3.75 -0.09
CA SER A 14 3.63 3.92 -0.49
C SER A 14 3.72 4.52 -1.89
N SER A 15 2.68 4.29 -2.69
CA SER A 15 2.64 4.82 -4.05
C SER A 15 2.01 6.20 -4.09
N LYS A 16 0.79 6.30 -3.55
CA LYS A 16 0.08 7.57 -3.52
C LYS A 16 0.92 8.66 -2.86
N PHE A 17 1.59 8.29 -1.77
CA PHE A 17 2.44 9.24 -1.04
C PHE A 17 3.88 8.72 -0.96
N MET A 4 0.47 -3.73 5.74
CA MET A 4 -0.72 -4.41 6.24
C MET A 4 -0.74 -5.86 5.81
N GLU A 5 0.45 -6.43 5.58
CA GLU A 5 0.56 -7.81 5.16
C GLU A 5 -0.26 -8.08 3.90
N ASN A 6 -0.32 -7.08 3.02
CA ASN A 6 -1.07 -7.19 1.78
C ASN A 6 -0.34 -6.49 0.64
N THR A 7 -0.97 -6.49 -0.54
CA THR A 7 -0.39 -5.86 -1.71
C THR A 7 -1.42 -5.02 -2.46
N SER A 8 -2.20 -4.25 -1.70
CA SER A 8 -3.24 -3.40 -2.29
C SER A 8 -3.34 -2.07 -1.55
N ILE A 9 -3.56 -2.16 -0.24
CA ILE A 9 -3.68 -0.97 0.59
C ILE A 9 -2.30 -0.42 0.97
N THR A 10 -1.46 -1.30 1.52
CA THR A 10 -0.12 -0.91 1.93
C THR A 10 0.68 -0.36 0.77
N ILE A 11 0.38 -0.85 -0.43
CA ILE A 11 1.07 -0.41 -1.64
C ILE A 11 0.42 0.85 -2.21
N GLU A 12 -0.90 0.95 -2.06
CA GLU A 12 -1.63 2.10 -2.56
C GLU A 12 -1.21 3.38 -1.84
N PHE A 13 -0.86 3.24 -0.56
CA PHE A 13 -0.44 4.38 0.24
C PHE A 13 1.06 4.64 0.08
N SER A 14 1.85 3.57 0.21
CA SER A 14 3.30 3.69 0.09
C SER A 14 3.69 4.23 -1.29
N SER A 15 2.83 4.00 -2.26
CA SER A 15 3.08 4.46 -3.63
C SER A 15 2.58 5.88 -3.83
N LYS A 16 1.30 6.10 -3.49
CA LYS A 16 0.69 7.41 -3.63
C LYS A 16 1.48 8.47 -2.86
N PHE A 17 1.76 8.17 -1.59
CA PHE A 17 2.51 9.09 -0.73
C PHE A 17 3.47 8.33 0.17
N MET A 4 0.19 -4.03 5.88
CA MET A 4 -0.98 -4.76 6.35
C MET A 4 -0.94 -6.21 5.88
N GLU A 5 0.26 -6.71 5.65
CA GLU A 5 0.44 -8.09 5.19
C GLU A 5 -0.27 -8.32 3.86
N ASN A 6 -0.42 -7.25 3.09
CA ASN A 6 -1.09 -7.33 1.79
C ASN A 6 -0.31 -6.54 0.73
N THR A 7 -0.83 -6.55 -0.49
CA THR A 7 -0.19 -5.84 -1.59
C THR A 7 -1.21 -5.02 -2.39
N SER A 8 -2.04 -4.27 -1.67
CA SER A 8 -3.06 -3.44 -2.30
C SER A 8 -3.25 -2.14 -1.54
N ILE A 9 -3.52 -2.25 -0.24
CA ILE A 9 -3.71 -1.08 0.60
C ILE A 9 -2.38 -0.47 1.03
N THR A 10 -1.50 -1.31 1.56
CA THR A 10 -0.19 -0.86 2.01
C THR A 10 0.62 -0.28 0.86
N ILE A 11 0.41 -0.83 -0.34
CA ILE A 11 1.12 -0.36 -1.53
C ILE A 11 0.46 0.88 -2.11
N GLU A 12 -0.86 0.95 -1.98
CA GLU A 12 -1.61 2.09 -2.50
C GLU A 12 -1.22 3.38 -1.77
N PHE A 13 -0.88 3.24 -0.49
CA PHE A 13 -0.49 4.39 0.32
C PHE A 13 1.00 4.69 0.15
N SER A 14 1.80 3.63 0.06
CA SER A 14 3.25 3.78 -0.08
C SER A 14 3.59 4.38 -1.45
N SER A 15 2.71 4.16 -2.42
CA SER A 15 2.92 4.67 -3.77
C SER A 15 2.36 6.09 -3.91
N LYS A 16 1.17 6.29 -3.37
CA LYS A 16 0.51 7.59 -3.43
C LYS A 16 1.42 8.68 -2.88
N PHE A 17 2.04 8.42 -1.73
CA PHE A 17 2.94 9.37 -1.10
C PHE A 17 4.18 8.68 -0.56
N MET A 4 -1.00 -3.80 5.45
CA MET A 4 -1.96 -4.77 5.99
C MET A 4 -1.50 -6.19 5.69
N GLU A 5 -0.19 -6.38 5.56
CA GLU A 5 0.37 -7.70 5.28
C GLU A 5 -0.11 -8.21 3.92
N ASN A 6 -0.44 -7.29 3.03
CA ASN A 6 -0.91 -7.65 1.70
C ASN A 6 -0.35 -6.70 0.65
N THR A 7 -0.75 -6.91 -0.61
CA THR A 7 -0.29 -6.07 -1.71
C THR A 7 -1.44 -5.26 -2.30
N SER A 8 -1.93 -4.30 -1.53
CA SER A 8 -3.04 -3.46 -1.98
C SER A 8 -3.09 -2.17 -1.17
N ILE A 9 -3.11 -2.30 0.15
CA ILE A 9 -3.16 -1.14 1.04
C ILE A 9 -1.76 -0.54 1.25
N THR A 10 -0.83 -1.39 1.67
CA THR A 10 0.54 -0.96 1.90
C THR A 10 1.15 -0.33 0.66
N ILE A 11 0.72 -0.81 -0.51
CA ILE A 11 1.21 -0.30 -1.78
C ILE A 11 0.44 0.95 -2.21
N GLU A 12 -0.84 0.99 -1.89
CA GLU A 12 -1.69 2.12 -2.23
C GLU A 12 -1.23 3.38 -1.51
N PHE A 13 -0.73 3.21 -0.28
CA PHE A 13 -0.26 4.34 0.51
C PHE A 13 1.17 4.71 0.13
N SER A 14 2.02 3.70 -0.01
CA SER A 14 3.42 3.92 -0.36
C SER A 14 3.53 4.50 -1.77
N SER A 15 2.54 4.22 -2.60
CA SER A 15 2.53 4.71 -3.98
C SER A 15 2.03 6.16 -4.03
N LYS A 16 0.89 6.40 -3.38
CA LYS A 16 0.31 7.73 -3.36
C LYS A 16 1.30 8.76 -2.83
N PHE A 17 1.95 8.43 -1.72
CA PHE A 17 2.94 9.33 -1.12
C PHE A 17 3.98 8.54 -0.34
N MET A 4 -0.12 -4.06 6.11
CA MET A 4 -1.12 -5.03 6.57
C MET A 4 -0.88 -6.40 5.95
N GLU A 5 0.38 -6.71 5.67
CA GLU A 5 0.74 -7.98 5.06
C GLU A 5 -0.02 -8.20 3.76
N ASN A 6 -0.39 -7.11 3.11
CA ASN A 6 -1.13 -7.18 1.85
C ASN A 6 -0.36 -6.48 0.74
N THR A 7 -0.94 -6.48 -0.47
CA THR A 7 -0.32 -5.84 -1.62
C THR A 7 -1.33 -4.99 -2.39
N SER A 8 -2.14 -4.23 -1.66
CA SER A 8 -3.14 -3.39 -2.29
C SER A 8 -3.29 -2.07 -1.54
N ILE A 9 -3.52 -2.16 -0.23
CA ILE A 9 -3.67 -0.98 0.60
C ILE A 9 -2.32 -0.41 1.00
N THR A 10 -1.43 -1.28 1.51
CA THR A 10 -0.10 -0.86 1.92
C THR A 10 0.69 -0.30 0.75
N ILE A 11 0.41 -0.82 -0.44
CA ILE A 11 1.11 -0.38 -1.65
C ILE A 11 0.46 0.87 -2.23
N GLU A 12 -0.86 0.98 -2.06
CA GLU A 12 -1.60 2.13 -2.57
C GLU A 12 -1.21 3.40 -1.82
N PHE A 13 -0.86 3.25 -0.55
CA PHE A 13 -0.46 4.38 0.28
C PHE A 13 1.02 4.70 0.08
N SER A 14 1.86 3.68 0.18
CA SER A 14 3.30 3.86 0.02
C SER A 14 3.63 4.42 -1.35
N SER A 15 2.80 4.10 -2.34
CA SER A 15 3.01 4.57 -3.70
C SER A 15 2.46 5.98 -3.88
N LYS A 16 1.22 6.19 -3.46
CA LYS A 16 0.59 7.50 -3.56
C LYS A 16 1.43 8.57 -2.88
N PHE A 17 1.85 8.29 -1.65
CA PHE A 17 2.67 9.23 -0.89
C PHE A 17 4.04 8.63 -0.60
N MET A 4 0.32 -3.44 6.11
CA MET A 4 -0.56 -4.39 6.77
C MET A 4 -0.44 -5.77 6.16
N GLU A 5 0.73 -6.07 5.61
CA GLU A 5 0.98 -7.36 4.98
C GLU A 5 -0.01 -7.62 3.86
N ASN A 6 -0.12 -6.67 2.93
CA ASN A 6 -1.03 -6.79 1.80
C ASN A 6 -0.35 -6.37 0.50
N THR A 7 -1.11 -6.36 -0.59
CA THR A 7 -0.58 -5.99 -1.89
C THR A 7 -1.57 -5.13 -2.67
N SER A 8 -2.31 -4.30 -1.93
CA SER A 8 -3.30 -3.42 -2.55
C SER A 8 -3.43 -2.11 -1.77
N ILE A 9 -3.69 -2.24 -0.47
CA ILE A 9 -3.84 -1.07 0.40
C ILE A 9 -2.47 -0.54 0.84
N THR A 10 -1.64 -1.44 1.36
CA THR A 10 -0.31 -1.08 1.82
C THR A 10 0.53 -0.49 0.69
N ILE A 11 0.27 -0.97 -0.53
CA ILE A 11 1.00 -0.50 -1.69
C ILE A 11 0.38 0.78 -2.25
N GLU A 12 -0.93 0.90 -2.13
CA GLU A 12 -1.64 2.08 -2.62
C GLU A 12 -1.24 3.32 -1.84
N PHE A 13 -0.92 3.13 -0.56
CA PHE A 13 -0.52 4.24 0.30
C PHE A 13 0.98 4.50 0.20
N SER A 14 1.76 3.42 0.27
CA SER A 14 3.21 3.53 0.19
C SER A 14 3.64 4.11 -1.15
N SER A 15 2.81 3.92 -2.17
CA SER A 15 3.10 4.43 -3.51
C SER A 15 2.60 5.86 -3.66
N LYS A 16 1.34 6.08 -3.34
CA LYS A 16 0.74 7.41 -3.44
C LYS A 16 1.58 8.44 -2.71
N PHE A 17 1.95 8.14 -1.47
CA PHE A 17 2.75 9.05 -0.67
C PHE A 17 3.74 8.26 0.20
N MET A 4 0.23 -3.88 5.83
CA MET A 4 -0.78 -4.72 6.45
C MET A 4 -0.68 -6.16 5.95
N GLU A 5 0.53 -6.56 5.56
CA GLU A 5 0.76 -7.91 5.07
C GLU A 5 -0.03 -8.16 3.79
N ASN A 6 -0.24 -7.11 3.00
CA ASN A 6 -0.98 -7.21 1.76
C ASN A 6 -0.27 -6.46 0.63
N THR A 7 -0.90 -6.42 -0.53
CA THR A 7 -0.33 -5.74 -1.69
C THR A 7 -1.40 -4.93 -2.43
N SER A 8 -2.21 -4.21 -1.68
CA SER A 8 -3.28 -3.39 -2.27
C SER A 8 -3.38 -2.05 -1.56
N ILE A 9 -3.63 -2.09 -0.25
CA ILE A 9 -3.77 -0.87 0.53
C ILE A 9 -2.39 -0.34 0.94
N THR A 10 -1.58 -1.22 1.52
CA THR A 10 -0.24 -0.84 1.97
C THR A 10 0.59 -0.30 0.81
N ILE A 11 0.31 -0.79 -0.40
CA ILE A 11 1.04 -0.36 -1.58
C ILE A 11 0.39 0.88 -2.20
N GLU A 12 -0.92 0.98 -2.07
CA GLU A 12 -1.66 2.12 -2.61
C GLU A 12 -1.27 3.41 -1.89
N PHE A 13 -0.95 3.29 -0.61
CA PHE A 13 -0.56 4.45 0.19
C PHE A 13 0.95 4.68 0.11
N SER A 14 1.71 3.62 0.31
CA SER A 14 3.17 3.71 0.26
C SER A 14 3.64 4.23 -1.10
N SER A 15 2.84 4.00 -2.12
CA SER A 15 3.16 4.44 -3.47
C SER A 15 2.61 5.85 -3.73
N LYS A 16 1.33 6.03 -3.46
CA LYS A 16 0.67 7.31 -3.66
C LYS A 16 1.45 8.44 -2.97
N PHE A 17 1.98 8.14 -1.79
CA PHE A 17 2.75 9.13 -1.04
C PHE A 17 3.83 8.44 -0.21
N MET A 4 0.39 -3.61 6.01
CA MET A 4 -0.61 -4.46 6.64
C MET A 4 -0.56 -5.87 6.08
N GLU A 5 0.62 -6.28 5.60
CA GLU A 5 0.79 -7.61 5.03
C GLU A 5 -0.14 -7.82 3.84
N ASN A 6 -0.21 -6.82 2.96
CA ASN A 6 -1.07 -6.89 1.79
C ASN A 6 -0.33 -6.40 0.55
N THR A 7 -1.03 -6.38 -0.59
CA THR A 7 -0.44 -5.93 -1.84
C THR A 7 -1.42 -5.05 -2.62
N SER A 8 -2.22 -4.28 -1.90
CA SER A 8 -3.21 -3.41 -2.52
C SER A 8 -3.37 -2.12 -1.73
N ILE A 9 -3.65 -2.25 -0.44
CA ILE A 9 -3.82 -1.09 0.42
C ILE A 9 -2.47 -0.54 0.88
N THR A 10 -1.63 -1.43 1.40
CA THR A 10 -0.32 -1.04 1.89
C THR A 10 0.53 -0.45 0.76
N ILE A 11 0.29 -0.92 -0.46
CA ILE A 11 1.04 -0.44 -1.62
C ILE A 11 0.40 0.83 -2.19
N GLU A 12 -0.91 0.93 -2.06
CA GLU A 12 -1.64 2.10 -2.55
C GLU A 12 -1.24 3.35 -1.80
N PHE A 13 -0.91 3.19 -0.51
CA PHE A 13 -0.52 4.31 0.33
C PHE A 13 0.98 4.58 0.21
N SER A 14 1.77 3.51 0.31
CA SER A 14 3.22 3.62 0.22
C SER A 14 3.64 4.18 -1.13
N SER A 15 2.80 3.97 -2.14
CA SER A 15 3.08 4.45 -3.49
C SER A 15 2.54 5.86 -3.68
N LYS A 16 1.27 6.06 -3.32
CA LYS A 16 0.63 7.36 -3.46
C LYS A 16 1.47 8.44 -2.80
N PHE A 17 1.95 8.17 -1.59
CA PHE A 17 2.77 9.13 -0.86
C PHE A 17 4.00 8.45 -0.27
N MET A 4 -0.44 -3.33 5.21
CA MET A 4 -1.48 -4.08 5.90
C MET A 4 -1.27 -5.59 5.71
N GLU A 5 -0.01 -5.97 5.50
CA GLU A 5 0.33 -7.38 5.31
C GLU A 5 -0.35 -7.93 4.05
N ASN A 6 -0.47 -7.09 3.03
CA ASN A 6 -1.10 -7.50 1.78
C ASN A 6 -0.46 -6.76 0.60
N THR A 7 -0.99 -7.02 -0.60
CA THR A 7 -0.48 -6.38 -1.81
C THR A 7 -1.53 -5.51 -2.47
N SER A 8 -1.89 -4.42 -1.80
CA SER A 8 -2.90 -3.50 -2.33
C SER A 8 -3.04 -2.28 -1.44
N ILE A 9 -3.11 -2.51 -0.13
CA ILE A 9 -3.25 -1.42 0.83
C ILE A 9 -1.89 -0.80 1.14
N THR A 10 -0.93 -1.62 1.51
CA THR A 10 0.41 -1.16 1.83
C THR A 10 1.04 -0.43 0.66
N ILE A 11 0.70 -0.87 -0.55
CA ILE A 11 1.23 -0.26 -1.76
C ILE A 11 0.44 0.99 -2.14
N GLU A 12 -0.87 0.98 -1.86
CA GLU A 12 -1.73 2.10 -2.16
C GLU A 12 -1.25 3.36 -1.44
N PHE A 13 -0.75 3.19 -0.22
CA PHE A 13 -0.27 4.30 0.57
C PHE A 13 1.16 4.66 0.19
N SER A 14 2.02 3.65 0.11
CA SER A 14 3.42 3.86 -0.24
C SER A 14 3.55 4.47 -1.63
N SER A 15 2.55 4.22 -2.48
CA SER A 15 2.55 4.76 -3.83
C SER A 15 2.04 6.19 -3.86
N LYS A 16 0.89 6.41 -3.22
CA LYS A 16 0.28 7.74 -3.18
C LYS A 16 1.11 8.67 -2.31
N PHE A 17 2.01 8.11 -1.52
CA PHE A 17 2.87 8.89 -0.64
C PHE A 17 4.34 8.67 -0.98
N MET A 4 -0.42 -3.33 5.22
CA MET A 4 -1.40 -4.13 5.96
C MET A 4 -1.18 -5.62 5.70
N GLU A 5 0.07 -6.00 5.46
CA GLU A 5 0.40 -7.40 5.19
C GLU A 5 -0.28 -7.89 3.92
N ASN A 6 -0.57 -6.96 3.02
CA ASN A 6 -1.21 -7.29 1.75
C ASN A 6 -0.50 -6.63 0.58
N THR A 7 -1.05 -6.80 -0.62
CA THR A 7 -0.47 -6.22 -1.82
C THR A 7 -1.45 -5.29 -2.52
N SER A 8 -2.05 -4.39 -1.74
CA SER A 8 -3.01 -3.44 -2.28
C SER A 8 -3.13 -2.20 -1.39
N ILE A 9 -3.20 -2.45 -0.08
CA ILE A 9 -3.32 -1.36 0.89
C ILE A 9 -1.95 -0.75 1.19
N THR A 10 -0.99 -1.60 1.52
CA THR A 10 0.36 -1.15 1.84
C THR A 10 1.02 -0.50 0.63
N ILE A 11 0.64 -0.95 -0.56
CA ILE A 11 1.19 -0.41 -1.79
C ILE A 11 0.47 0.87 -2.21
N GLU A 12 -0.83 0.93 -1.90
CA GLU A 12 -1.64 2.09 -2.24
C GLU A 12 -1.17 3.33 -1.47
N PHE A 13 -0.68 3.10 -0.25
CA PHE A 13 -0.20 4.19 0.58
C PHE A 13 1.26 4.52 0.26
N SER A 14 2.08 3.49 0.12
CA SER A 14 3.49 3.66 -0.18
C SER A 14 3.68 4.31 -1.56
N SER A 15 2.71 4.09 -2.44
CA SER A 15 2.77 4.64 -3.78
C SER A 15 2.18 6.05 -3.82
N LYS A 16 1.03 6.22 -3.16
CA LYS A 16 0.35 7.51 -3.12
C LYS A 16 1.09 8.47 -2.20
N PHE A 17 2.08 7.96 -1.48
CA PHE A 17 2.87 8.78 -0.57
C PHE A 17 3.42 10.02 -1.28
N MET A 4 0.63 -3.70 5.71
CA MET A 4 -0.66 -4.22 6.14
C MET A 4 -0.81 -5.69 5.77
N GLU A 5 0.32 -6.38 5.64
CA GLU A 5 0.32 -7.79 5.28
C GLU A 5 -0.49 -8.03 4.02
N ASN A 6 -0.46 -7.06 3.10
CA ASN A 6 -1.19 -7.16 1.85
C ASN A 6 -0.43 -6.48 0.72
N THR A 7 -1.00 -6.52 -0.48
CA THR A 7 -0.37 -5.92 -1.65
C THR A 7 -1.36 -5.04 -2.41
N SER A 8 -2.11 -4.23 -1.67
CA SER A 8 -3.10 -3.34 -2.28
C SER A 8 -3.27 -2.07 -1.45
N ILE A 9 -3.40 -2.23 -0.15
CA ILE A 9 -3.57 -1.10 0.76
C ILE A 9 -2.23 -0.49 1.12
N THR A 10 -1.24 -1.34 1.36
CA THR A 10 0.10 -0.90 1.73
C THR A 10 0.85 -0.37 0.51
N ILE A 11 0.48 -0.87 -0.67
CA ILE A 11 1.12 -0.45 -1.91
C ILE A 11 0.51 0.84 -2.44
N GLU A 12 -0.81 0.99 -2.25
CA GLU A 12 -1.51 2.18 -2.70
C GLU A 12 -1.19 3.37 -1.82
N PHE A 13 -0.92 3.10 -0.54
CA PHE A 13 -0.59 4.15 0.41
C PHE A 13 0.89 4.51 0.35
N SER A 14 1.72 3.51 0.06
CA SER A 14 3.16 3.72 -0.03
C SER A 14 3.55 4.33 -1.37
N SER A 15 2.76 4.02 -2.39
CA SER A 15 3.02 4.54 -3.74
C SER A 15 2.53 5.97 -3.87
N LYS A 16 1.29 6.21 -3.45
CA LYS A 16 0.70 7.54 -3.52
C LYS A 16 1.46 8.52 -2.64
N PHE A 17 1.70 8.12 -1.39
CA PHE A 17 2.42 8.97 -0.45
C PHE A 17 3.66 8.26 0.08
N MET A 4 -2.11 -4.05 5.57
CA MET A 4 -2.79 -5.32 5.81
C MET A 4 -1.90 -6.50 5.46
N GLU A 5 -0.59 -6.26 5.44
CA GLU A 5 0.37 -7.30 5.11
C GLU A 5 0.11 -7.87 3.72
N ASN A 6 -0.46 -7.03 2.85
CA ASN A 6 -0.77 -7.45 1.48
C ASN A 6 -0.38 -6.37 0.48
N THR A 7 -0.32 -6.74 -0.79
CA THR A 7 0.04 -5.79 -1.84
C THR A 7 -1.18 -5.00 -2.30
N SER A 8 -1.80 -4.29 -1.37
CA SER A 8 -2.97 -3.49 -1.67
C SER A 8 -3.00 -2.22 -0.82
N ILE A 9 -2.92 -2.39 0.49
CA ILE A 9 -2.94 -1.26 1.41
C ILE A 9 -1.55 -0.64 1.54
N THR A 10 -0.55 -1.49 1.80
CA THR A 10 0.81 -1.02 1.95
C THR A 10 1.31 -0.36 0.67
N ILE A 11 0.81 -0.81 -0.47
CA ILE A 11 1.20 -0.25 -1.76
C ILE A 11 0.39 1.00 -2.08
N GLU A 12 -0.87 1.00 -1.66
CA GLU A 12 -1.75 2.13 -1.91
C GLU A 12 -1.21 3.40 -1.26
N PHE A 13 -0.59 3.24 -0.09
CA PHE A 13 -0.02 4.37 0.64
C PHE A 13 1.37 4.71 0.12
N SER A 14 2.20 3.68 -0.04
CA SER A 14 3.56 3.86 -0.52
C SER A 14 3.57 4.47 -1.91
N SER A 15 2.52 4.20 -2.67
CA SER A 15 2.40 4.72 -4.03
C SER A 15 1.82 6.13 -4.03
N LYS A 16 0.67 6.28 -3.38
CA LYS A 16 0.01 7.58 -3.30
C LYS A 16 0.97 8.66 -2.80
N PHE A 17 1.92 8.25 -1.97
CA PHE A 17 2.91 9.18 -1.43
C PHE A 17 4.22 8.47 -1.10
#